data_4JHR
#
_entry.id   4JHR
#
_cell.length_a   72.213
_cell.length_b   81.803
_cell.length_c   106.942
_cell.angle_alpha   90.00
_cell.angle_beta   90.00
_cell.angle_gamma   90.00
#
_symmetry.space_group_name_H-M   'P 2 21 21'
#
_entity_poly.entity_id   1
_entity_poly.type   'polypeptide(L)'
_entity_poly.pdbx_seq_one_letter_code
;GPGSGDQLGEAKASGNLGNTLKVLGNFDEAIVCCQRHLDISRELNDKVGEARALYNLGNVYHAKGKSFGCPGPQDTGEFP
EDVRNALQAAVDLYEENLSLVTALGDRAAQGRAFGNLGNTHYLLGNFRDAVIAHEQRLLIAKEFGDKAAERRAYSNLGNA
YIFLGEFETASEYYKKTLLLARQLKDRAVEAQSCYSLGNTYTLLQDYEKAIDYHLKHLAIAQELKDRIGEGRACWSLGNA
YTALGNHDQAMHFAEKHLEISREVGDLEVLFQGPPDEDFFDILVKCQGSRLDDQRCAPPSAATKGPTVPDEDFFSLILRS
QAKRMDEQRVLLQ
;
_entity_poly.pdbx_strand_id   A,B
#
# COMPACT_ATOMS: atom_id res chain seq x y z
N ASN A 26 14.04 -3.37 -1.07
CA ASN A 26 14.76 -4.53 -1.59
C ASN A 26 15.08 -4.42 -3.09
N PHE A 27 14.98 -3.21 -3.63
CA PHE A 27 14.93 -3.05 -5.07
C PHE A 27 16.26 -3.35 -5.74
N ASP A 28 17.33 -3.38 -4.97
CA ASP A 28 18.64 -3.56 -5.59
C ASP A 28 19.04 -5.02 -5.70
N GLU A 29 18.86 -5.78 -4.63
CA GLU A 29 19.09 -7.22 -4.75
C GLU A 29 18.25 -7.76 -5.88
N ALA A 30 17.00 -7.32 -5.95
CA ALA A 30 16.08 -7.78 -6.98
C ALA A 30 16.55 -7.50 -8.39
N ILE A 31 17.02 -6.27 -8.62
CA ILE A 31 17.41 -5.89 -9.98
C ILE A 31 18.59 -6.72 -10.50
N VAL A 32 19.54 -7.01 -9.64
CA VAL A 32 20.71 -7.76 -10.02
C VAL A 32 20.32 -9.17 -10.45
N CYS A 33 19.43 -9.77 -9.67
CA CYS A 33 18.88 -11.08 -9.99
C CYS A 33 18.24 -11.15 -11.38
N CYS A 34 17.39 -10.19 -11.70
CA CYS A 34 16.72 -10.24 -12.98
C CYS A 34 17.77 -10.04 -14.05
N GLN A 35 18.72 -9.14 -13.79
CA GLN A 35 19.82 -8.90 -14.70
C GLN A 35 20.56 -10.21 -14.96
N ARG A 36 20.85 -10.95 -13.89
CA ARG A 36 21.48 -12.26 -14.02
C ARG A 36 20.66 -13.15 -14.92
N HIS A 37 19.38 -13.25 -14.61
CA HIS A 37 18.41 -14.05 -15.36
C HIS A 37 18.40 -13.69 -16.84
N LEU A 38 18.28 -12.40 -17.12
CA LEU A 38 18.26 -11.90 -18.48
C LEU A 38 19.58 -12.16 -19.20
N ASP A 39 20.67 -11.90 -18.49
CA ASP A 39 22.02 -12.17 -18.96
C ASP A 39 22.09 -13.59 -19.51
N ILE A 40 21.78 -14.53 -18.63
CA ILE A 40 21.79 -15.95 -18.94
C ILE A 40 20.88 -16.31 -20.13
N SER A 41 19.67 -15.76 -20.14
CA SER A 41 18.67 -16.11 -21.14
C SER A 41 19.12 -15.66 -22.51
N ARG A 42 19.92 -14.59 -22.54
CA ARG A 42 20.43 -14.08 -23.80
C ARG A 42 21.54 -14.99 -24.30
N GLU A 43 22.42 -15.38 -23.37
CA GLU A 43 23.48 -16.35 -23.64
C GLU A 43 22.90 -17.67 -24.17
N LEU A 44 21.81 -18.12 -23.58
CA LEU A 44 21.22 -19.39 -23.95
C LEU A 44 20.28 -19.32 -25.15
N ASN A 45 20.17 -18.12 -25.73
CA ASN A 45 19.21 -17.87 -26.81
C ASN A 45 17.80 -18.29 -26.42
N ASP A 46 17.44 -17.96 -25.17
CA ASP A 46 16.16 -18.29 -24.58
C ASP A 46 15.20 -17.11 -24.72
N LYS A 47 14.41 -17.15 -25.80
CA LYS A 47 13.49 -16.07 -26.13
C LYS A 47 12.39 -15.87 -25.07
N VAL A 48 11.85 -16.96 -24.54
CA VAL A 48 10.82 -16.89 -23.51
C VAL A 48 11.36 -16.26 -22.25
N GLY A 49 12.40 -16.87 -21.70
CA GLY A 49 12.98 -16.41 -20.45
C GLY A 49 13.54 -14.99 -20.52
N GLU A 50 14.03 -14.58 -21.68
CA GLU A 50 14.49 -13.21 -21.84
C GLU A 50 13.31 -12.28 -21.63
N ALA A 51 12.19 -12.63 -22.25
CA ALA A 51 10.98 -11.81 -22.16
C ALA A 51 10.49 -11.75 -20.72
N ARG A 52 10.69 -12.84 -20.00
CA ARG A 52 10.19 -12.89 -18.65
C ARG A 52 11.09 -12.02 -17.80
N ALA A 53 12.39 -12.12 -18.00
CA ALA A 53 13.33 -11.32 -17.22
C ALA A 53 13.10 -9.83 -17.46
N LEU A 54 12.69 -9.50 -18.68
CA LEU A 54 12.42 -8.12 -19.05
C LEU A 54 11.20 -7.57 -18.30
N TYR A 55 10.15 -8.40 -18.24
CA TYR A 55 8.95 -8.13 -17.46
C TYR A 55 9.26 -7.98 -15.98
N ASN A 56 10.02 -8.92 -15.43
CA ASN A 56 10.36 -8.86 -14.01
C ASN A 56 11.10 -7.57 -13.69
N LEU A 57 12.09 -7.26 -14.52
CA LEU A 57 12.93 -6.09 -14.39
C LEU A 57 12.12 -4.80 -14.60
N GLY A 58 11.19 -4.80 -15.55
CA GLY A 58 10.26 -3.69 -15.67
C GLY A 58 9.37 -3.51 -14.44
N ASN A 59 8.99 -4.62 -13.82
CA ASN A 59 8.13 -4.55 -12.65
C ASN A 59 8.83 -3.98 -11.42
N VAL A 60 10.13 -4.24 -11.32
CA VAL A 60 10.88 -3.76 -10.17
C VAL A 60 11.06 -2.26 -10.25
N TYR A 61 11.60 -1.81 -11.39
CA TYR A 61 11.72 -0.39 -11.70
C TYR A 61 10.42 0.36 -11.46
N HIS A 62 9.36 -0.09 -12.12
CA HIS A 62 8.01 0.40 -11.95
C HIS A 62 7.74 0.61 -10.46
N ALA A 63 8.03 -0.39 -9.65
CA ALA A 63 7.77 -0.26 -8.21
C ALA A 63 8.75 0.65 -7.48
N LYS A 64 9.99 0.73 -7.98
CA LYS A 64 10.97 1.69 -7.48
C LYS A 64 10.50 3.10 -7.79
N GLY A 65 10.00 3.28 -9.00
CA GLY A 65 9.51 4.57 -9.45
C GLY A 65 8.47 5.20 -8.55
N LYS A 66 7.63 4.39 -7.91
CA LYS A 66 6.64 4.94 -6.98
C LYS A 66 7.01 4.75 -5.51
N SER A 67 8.30 4.72 -5.21
CA SER A 67 8.78 4.59 -3.82
C SER A 67 10.20 5.09 -3.63
N GLU A 81 13.12 13.77 -8.60
CA GLU A 81 12.77 13.42 -9.98
C GLU A 81 13.89 12.66 -10.72
N ASP A 82 14.65 11.88 -9.96
CA ASP A 82 15.50 10.81 -10.51
C ASP A 82 14.66 9.54 -10.47
N VAL A 83 13.45 9.70 -9.91
CA VAL A 83 12.35 8.76 -10.06
C VAL A 83 11.98 8.59 -11.54
N ARG A 84 12.01 9.69 -12.29
CA ARG A 84 11.75 9.65 -13.72
C ARG A 84 12.71 8.69 -14.42
N ASN A 85 13.87 8.50 -13.81
CA ASN A 85 14.84 7.53 -14.32
C ASN A 85 14.36 6.07 -14.11
N ALA A 86 13.80 5.79 -12.93
CA ALA A 86 13.25 4.47 -12.65
C ALA A 86 12.07 4.17 -13.54
N LEU A 87 11.20 5.17 -13.69
CA LEU A 87 9.99 5.00 -14.45
C LEU A 87 10.23 4.91 -15.96
N GLN A 88 11.14 5.71 -16.48
CA GLN A 88 11.41 5.65 -17.92
C GLN A 88 12.10 4.32 -18.25
N ALA A 89 12.88 3.80 -17.31
CA ALA A 89 13.48 2.48 -17.50
C ALA A 89 12.39 1.43 -17.65
N ALA A 90 11.48 1.37 -16.68
CA ALA A 90 10.36 0.44 -16.73
C ALA A 90 9.64 0.47 -18.08
N VAL A 91 9.34 1.67 -18.57
CA VAL A 91 8.75 1.82 -19.90
C VAL A 91 9.64 1.22 -20.96
N ASP A 92 10.93 1.54 -20.92
CA ASP A 92 11.84 1.00 -21.94
C ASP A 92 11.79 -0.51 -21.90
N LEU A 93 11.98 -1.04 -20.70
CA LEU A 93 11.92 -2.47 -20.44
C LEU A 93 10.61 -3.17 -20.88
N TYR A 94 9.48 -2.64 -20.45
CA TYR A 94 8.18 -3.16 -20.89
C TYR A 94 8.06 -3.13 -22.42
N GLU A 95 8.48 -2.04 -23.06
CA GLU A 95 8.34 -1.95 -24.51
C GLU A 95 9.23 -2.99 -25.21
N GLU A 96 10.41 -3.25 -24.65
CA GLU A 96 11.24 -4.28 -25.24
C GLU A 96 10.51 -5.63 -25.14
N ASN A 97 10.14 -5.99 -23.91
CA ASN A 97 9.36 -7.19 -23.67
C ASN A 97 8.18 -7.33 -24.62
N LEU A 98 7.42 -6.24 -24.80
CA LEU A 98 6.25 -6.25 -25.66
C LEU A 98 6.54 -6.76 -27.07
N SER A 99 7.53 -6.18 -27.73
CA SER A 99 7.88 -6.58 -29.10
C SER A 99 8.26 -8.06 -29.17
N LEU A 100 8.79 -8.56 -28.07
CA LEU A 100 9.28 -9.93 -27.96
C LEU A 100 8.13 -10.91 -27.81
N VAL A 101 7.27 -10.61 -26.84
CA VAL A 101 6.08 -11.40 -26.57
C VAL A 101 5.14 -11.35 -27.78
N THR A 102 5.32 -10.30 -28.59
CA THR A 102 4.60 -10.19 -29.85
C THR A 102 5.19 -11.12 -30.92
N ALA A 103 6.51 -11.12 -31.03
CA ALA A 103 7.22 -12.09 -31.87
C ALA A 103 6.74 -13.48 -31.52
N LEU A 104 6.76 -13.81 -30.23
CA LEU A 104 6.18 -15.07 -29.73
C LEU A 104 4.70 -15.18 -30.11
N GLY A 105 3.96 -14.10 -29.92
CA GLY A 105 2.54 -14.09 -30.24
C GLY A 105 1.63 -14.49 -29.08
N ASP A 106 1.99 -14.06 -27.87
CA ASP A 106 1.15 -14.37 -26.70
C ASP A 106 0.27 -13.16 -26.45
N ARG A 107 -1.01 -13.31 -26.75
CA ARG A 107 -1.90 -12.16 -26.64
C ARG A 107 -2.09 -11.72 -25.18
N ALA A 108 -2.22 -12.68 -24.27
CA ALA A 108 -2.33 -12.33 -22.85
C ALA A 108 -1.07 -11.61 -22.35
N ALA A 109 0.09 -12.09 -22.79
CA ALA A 109 1.36 -11.53 -22.35
C ALA A 109 1.61 -10.15 -22.95
N GLN A 110 1.12 -9.91 -24.15
CA GLN A 110 1.16 -8.59 -24.76
C GLN A 110 0.28 -7.71 -23.88
N GLY A 111 -0.87 -8.25 -23.51
CA GLY A 111 -1.79 -7.54 -22.66
C GLY A 111 -1.17 -7.06 -21.36
N ARG A 112 -0.35 -7.91 -20.74
CA ARG A 112 0.24 -7.57 -19.45
C ARG A 112 1.18 -6.39 -19.59
N ALA A 113 1.97 -6.42 -20.66
CA ALA A 113 2.85 -5.30 -20.98
C ALA A 113 2.10 -4.03 -21.33
N PHE A 114 1.08 -4.12 -22.19
CA PHE A 114 0.30 -2.94 -22.52
C PHE A 114 -0.23 -2.28 -21.24
N GLY A 115 -0.83 -3.11 -20.38
CA GLY A 115 -1.43 -2.60 -19.16
C GLY A 115 -0.41 -1.95 -18.26
N ASN A 116 0.75 -2.57 -18.13
CA ASN A 116 1.85 -1.96 -17.39
C ASN A 116 2.34 -0.64 -17.99
N LEU A 117 2.61 -0.66 -19.29
CA LEU A 117 2.84 0.56 -20.07
C LEU A 117 1.83 1.70 -19.86
N GLY A 118 0.54 1.37 -19.80
CA GLY A 118 -0.47 2.36 -19.52
C GLY A 118 -0.22 2.97 -18.16
N ASN A 119 0.16 2.14 -17.21
CA ASN A 119 0.21 2.60 -15.85
C ASN A 119 1.46 3.37 -15.57
N THR A 120 2.52 3.02 -16.29
CA THR A 120 3.80 3.68 -16.11
C THR A 120 3.74 5.03 -16.75
N HIS A 121 3.27 5.07 -18.00
CA HIS A 121 3.14 6.34 -18.73
C HIS A 121 2.26 7.30 -17.97
N TYR A 122 1.25 6.73 -17.33
CA TYR A 122 0.31 7.49 -16.54
C TYR A 122 1.05 8.20 -15.39
N LEU A 123 1.91 7.46 -14.73
CA LEU A 123 2.67 8.01 -13.62
C LEU A 123 3.65 9.08 -14.09
N LEU A 124 4.00 9.03 -15.38
CA LEU A 124 4.97 9.95 -15.98
C LEU A 124 4.33 11.24 -16.50
N GLY A 125 3.03 11.18 -16.75
CA GLY A 125 2.33 12.35 -17.26
C GLY A 125 1.94 12.16 -18.71
N ASN A 126 2.53 11.16 -19.35
CA ASN A 126 2.29 10.91 -20.77
C ASN A 126 0.91 10.28 -20.94
N PHE A 127 -0.11 11.09 -20.64
CA PHE A 127 -1.48 10.64 -20.67
C PHE A 127 -1.84 10.24 -22.10
N ARG A 128 -1.17 10.89 -23.05
CA ARG A 128 -1.29 10.54 -24.45
C ARG A 128 -0.98 9.06 -24.62
N ASP A 129 0.22 8.69 -24.22
CA ASP A 129 0.71 7.32 -24.33
C ASP A 129 -0.05 6.33 -23.45
N ALA A 130 -0.42 6.78 -22.25
CA ALA A 130 -1.25 6.00 -21.37
C ALA A 130 -2.45 5.49 -22.16
N VAL A 131 -3.23 6.41 -22.71
CA VAL A 131 -4.43 6.06 -23.49
C VAL A 131 -4.20 5.05 -24.61
N ILE A 132 -3.19 5.30 -25.43
CA ILE A 132 -2.85 4.37 -26.52
C ILE A 132 -2.70 2.95 -26.01
N ALA A 133 -1.96 2.81 -24.90
CA ALA A 133 -1.62 1.53 -24.33
C ALA A 133 -2.79 0.83 -23.63
N HIS A 134 -3.61 1.61 -22.93
CA HIS A 134 -4.74 1.04 -22.23
C HIS A 134 -5.77 0.63 -23.25
N GLU A 135 -5.83 1.39 -24.34
CA GLU A 135 -6.81 1.10 -25.38
C GLU A 135 -6.60 -0.33 -25.88
N GLN A 136 -5.35 -0.67 -26.17
CA GLN A 136 -5.06 -2.04 -26.58
C GLN A 136 -5.49 -3.02 -25.52
N ARG A 137 -5.04 -2.78 -24.29
CA ARG A 137 -5.39 -3.58 -23.13
C ARG A 137 -6.91 -3.86 -23.04
N LEU A 138 -7.75 -2.84 -23.30
CA LEU A 138 -9.20 -3.04 -23.32
C LEU A 138 -9.60 -4.02 -24.41
N LEU A 139 -9.03 -3.84 -25.60
CA LEU A 139 -9.32 -4.71 -26.74
C LEU A 139 -8.91 -6.15 -26.48
N ILE A 140 -7.82 -6.34 -25.74
CA ILE A 140 -7.33 -7.67 -25.45
C ILE A 140 -8.19 -8.31 -24.36
N ALA A 141 -8.66 -7.49 -23.43
CA ALA A 141 -9.63 -7.98 -22.46
C ALA A 141 -10.96 -8.34 -23.17
N LYS A 142 -11.26 -7.63 -24.24
CA LYS A 142 -12.49 -7.91 -24.98
C LYS A 142 -12.37 -9.24 -25.72
N GLU A 143 -11.20 -9.47 -26.33
CA GLU A 143 -10.92 -10.71 -27.06
C GLU A 143 -11.08 -11.94 -26.16
N PHE A 144 -10.60 -11.81 -24.92
CA PHE A 144 -10.68 -12.91 -23.96
C PHE A 144 -12.01 -12.90 -23.20
N GLY A 145 -12.87 -11.93 -23.49
CA GLY A 145 -14.10 -11.77 -22.76
C GLY A 145 -13.84 -11.57 -21.28
N ASP A 146 -12.79 -10.82 -20.97
CA ASP A 146 -12.41 -10.54 -19.58
C ASP A 146 -13.13 -9.28 -19.07
N LYS A 147 -14.23 -9.47 -18.35
CA LYS A 147 -15.04 -8.35 -17.90
C LYS A 147 -14.33 -7.50 -16.84
N ALA A 148 -13.63 -8.15 -15.92
CA ALA A 148 -12.92 -7.46 -14.86
C ALA A 148 -11.77 -6.62 -15.41
N ALA A 149 -11.09 -7.15 -16.41
CA ALA A 149 -9.98 -6.43 -17.04
C ALA A 149 -10.52 -5.39 -17.98
N GLU A 150 -11.69 -5.67 -18.55
CA GLU A 150 -12.35 -4.70 -19.41
C GLU A 150 -12.63 -3.44 -18.57
N ARG A 151 -13.19 -3.68 -17.39
CA ARG A 151 -13.68 -2.63 -16.52
C ARG A 151 -12.55 -1.78 -15.98
N ARG A 152 -11.51 -2.45 -15.49
CA ARG A 152 -10.29 -1.78 -15.01
C ARG A 152 -9.71 -0.84 -16.06
N ALA A 153 -9.74 -1.28 -17.32
CA ALA A 153 -9.22 -0.50 -18.44
C ALA A 153 -10.06 0.73 -18.78
N TYR A 154 -11.39 0.56 -18.78
CA TYR A 154 -12.30 1.70 -18.96
C TYR A 154 -11.97 2.67 -17.85
N SER A 155 -11.85 2.13 -16.64
CA SER A 155 -11.63 2.95 -15.47
C SER A 155 -10.30 3.66 -15.57
N ASN A 156 -9.27 2.93 -15.98
CA ASN A 156 -7.96 3.55 -16.25
C ASN A 156 -8.02 4.64 -17.31
N LEU A 157 -8.70 4.35 -18.42
CA LEU A 157 -8.85 5.33 -19.50
C LEU A 157 -9.50 6.61 -19.01
N GLY A 158 -10.56 6.47 -18.21
CA GLY A 158 -11.22 7.59 -17.57
C GLY A 158 -10.30 8.53 -16.82
N ASN A 159 -9.40 7.96 -16.02
CA ASN A 159 -8.44 8.72 -15.23
C ASN A 159 -7.52 9.57 -16.11
N ALA A 160 -7.07 8.94 -17.20
CA ALA A 160 -6.16 9.61 -18.11
C ALA A 160 -6.87 10.80 -18.75
N TYR A 161 -8.10 10.58 -19.21
CA TYR A 161 -8.87 11.66 -19.86
C TYR A 161 -9.17 12.83 -18.95
N ILE A 162 -9.27 12.55 -17.65
CA ILE A 162 -9.51 13.58 -16.65
C ILE A 162 -8.30 14.45 -16.52
N PHE A 163 -7.12 13.84 -16.59
CA PHE A 163 -5.93 14.64 -16.51
C PHE A 163 -5.69 15.48 -17.76
N LEU A 164 -6.24 15.00 -18.89
CA LEU A 164 -6.16 15.72 -20.17
C LEU A 164 -7.18 16.85 -20.25
N GLY A 165 -8.02 16.97 -19.23
CA GLY A 165 -9.08 17.98 -19.21
C GLY A 165 -10.23 17.62 -20.14
N GLU A 166 -10.17 16.45 -20.74
CA GLU A 166 -11.24 15.99 -21.60
C GLU A 166 -12.34 15.27 -20.77
N PHE A 167 -13.06 16.05 -19.98
CA PHE A 167 -14.02 15.49 -19.02
C PHE A 167 -15.23 14.85 -19.68
N GLU A 168 -15.60 15.35 -20.85
CA GLU A 168 -16.75 14.83 -21.55
C GLU A 168 -16.46 13.39 -21.93
N THR A 169 -15.34 13.20 -22.65
CA THR A 169 -14.91 11.87 -23.10
C THR A 169 -14.63 10.92 -21.95
N ALA A 170 -14.34 11.48 -20.77
CA ALA A 170 -14.04 10.70 -19.56
C ALA A 170 -15.29 10.15 -18.88
N SER A 171 -16.34 10.96 -18.82
CA SER A 171 -17.62 10.49 -18.28
C SER A 171 -18.14 9.35 -19.13
N GLU A 172 -17.79 9.37 -20.42
CA GLU A 172 -18.17 8.29 -21.32
C GLU A 172 -17.61 6.94 -20.84
N TYR A 173 -16.36 6.94 -20.39
CA TYR A 173 -15.73 5.69 -19.91
C TYR A 173 -16.18 5.28 -18.52
N TYR A 174 -16.34 6.26 -17.65
CA TYR A 174 -16.80 5.99 -16.31
C TYR A 174 -18.18 5.34 -16.33
N LYS A 175 -19.04 5.83 -17.22
CA LYS A 175 -20.35 5.22 -17.39
C LYS A 175 -20.19 3.77 -17.86
N LYS A 176 -19.25 3.54 -18.75
CA LYS A 176 -19.02 2.19 -19.23
C LYS A 176 -18.61 1.35 -18.06
N THR A 177 -17.67 1.85 -17.27
CA THR A 177 -17.16 1.10 -16.14
C THR A 177 -18.28 0.87 -15.11
N LEU A 178 -19.25 1.78 -15.07
CA LEU A 178 -20.35 1.64 -14.12
C LEU A 178 -21.30 0.49 -14.49
N LEU A 179 -21.65 0.44 -15.78
CA LEU A 179 -22.53 -0.61 -16.27
C LEU A 179 -21.87 -1.98 -16.06
N LEU A 180 -20.56 -2.06 -16.29
CA LEU A 180 -19.85 -3.31 -16.15
C LEU A 180 -19.82 -3.78 -14.71
N ALA A 181 -19.65 -2.84 -13.79
CA ALA A 181 -19.56 -3.15 -12.37
C ALA A 181 -20.81 -3.87 -11.90
N ARG A 182 -21.95 -3.39 -12.40
CA ARG A 182 -23.25 -3.93 -12.07
C ARG A 182 -23.37 -5.33 -12.63
N GLN A 183 -23.00 -5.47 -13.89
CA GLN A 183 -22.99 -6.77 -14.53
C GLN A 183 -22.04 -7.73 -13.83
N LEU A 184 -20.94 -7.20 -13.31
CA LEU A 184 -19.95 -8.01 -12.62
C LEU A 184 -20.44 -8.35 -11.22
N LYS A 185 -21.54 -7.70 -10.83
CA LYS A 185 -22.07 -7.74 -9.48
C LYS A 185 -20.99 -7.30 -8.48
N ASP A 186 -20.35 -6.17 -8.75
CA ASP A 186 -19.34 -5.62 -7.85
C ASP A 186 -19.71 -4.29 -7.18
N ARG A 187 -20.30 -4.40 -6.00
CA ARG A 187 -20.81 -3.27 -5.25
C ARG A 187 -19.73 -2.22 -4.98
N ALA A 188 -18.53 -2.72 -4.71
CA ALA A 188 -17.37 -1.88 -4.40
C ALA A 188 -17.01 -0.97 -5.56
N VAL A 189 -16.62 -1.58 -6.67
CA VAL A 189 -16.28 -0.83 -7.87
C VAL A 189 -17.43 0.08 -8.29
N GLU A 190 -18.65 -0.46 -8.22
CA GLU A 190 -19.86 0.29 -8.51
C GLU A 190 -19.80 1.65 -7.84
N ALA A 191 -19.49 1.65 -6.54
CA ALA A 191 -19.44 2.88 -5.75
C ALA A 191 -18.32 3.79 -6.21
N GLN A 192 -17.23 3.18 -6.64
CA GLN A 192 -16.09 3.91 -7.14
C GLN A 192 -16.38 4.64 -8.45
N SER A 193 -17.13 4.00 -9.36
CA SER A 193 -17.46 4.64 -10.62
C SER A 193 -18.42 5.78 -10.36
N CYS A 194 -19.25 5.60 -9.33
CA CYS A 194 -20.22 6.62 -8.98
C CYS A 194 -19.47 7.80 -8.43
N TYR A 195 -18.53 7.51 -7.55
CA TYR A 195 -17.70 8.54 -6.97
C TYR A 195 -16.96 9.25 -8.09
N SER A 196 -16.41 8.46 -9.01
CA SER A 196 -15.56 9.00 -10.07
C SER A 196 -16.37 9.84 -11.01
N LEU A 197 -17.61 9.42 -11.24
CA LEU A 197 -18.52 10.18 -12.09
C LEU A 197 -18.91 11.46 -11.37
N GLY A 198 -19.12 11.35 -10.05
CA GLY A 198 -19.35 12.50 -9.21
C GLY A 198 -18.30 13.56 -9.48
N ASN A 199 -17.02 13.20 -9.35
CA ASN A 199 -15.94 14.17 -9.51
C ASN A 199 -15.95 14.76 -10.89
N THR A 200 -16.21 13.90 -11.86
CA THR A 200 -16.26 14.30 -13.26
C THR A 200 -17.20 15.47 -13.48
N TYR A 201 -18.49 15.22 -13.25
CA TYR A 201 -19.53 16.23 -13.43
C TYR A 201 -19.30 17.49 -12.64
N THR A 202 -18.79 17.34 -11.42
CA THR A 202 -18.36 18.48 -10.64
C THR A 202 -17.38 19.36 -11.42
N LEU A 203 -16.54 18.73 -12.22
CA LEU A 203 -15.57 19.49 -12.99
C LEU A 203 -16.27 20.17 -14.20
N LEU A 204 -17.27 19.49 -14.74
CA LEU A 204 -18.10 20.04 -15.80
C LEU A 204 -19.05 21.13 -15.28
N GLN A 205 -19.06 21.32 -13.97
CA GLN A 205 -19.95 22.28 -13.33
C GLN A 205 -21.42 21.89 -13.50
N ASP A 206 -21.68 20.59 -13.59
CA ASP A 206 -23.04 20.08 -13.53
C ASP A 206 -23.26 19.44 -12.16
N TYR A 207 -23.41 20.27 -11.13
CA TYR A 207 -23.50 19.80 -9.75
C TYR A 207 -24.77 19.00 -9.47
N GLU A 208 -25.73 19.09 -10.38
CA GLU A 208 -27.01 18.41 -10.21
C GLU A 208 -26.84 16.92 -10.45
N LYS A 209 -26.01 16.57 -11.42
CA LYS A 209 -25.79 15.17 -11.75
C LYS A 209 -24.68 14.62 -10.86
N ALA A 210 -23.77 15.52 -10.46
CA ALA A 210 -22.68 15.18 -9.55
C ALA A 210 -23.27 14.61 -8.26
N ILE A 211 -24.12 15.41 -7.62
CA ILE A 211 -24.84 15.01 -6.41
C ILE A 211 -25.56 13.68 -6.56
N ASP A 212 -26.25 13.50 -7.68
CA ASP A 212 -26.93 12.25 -7.97
C ASP A 212 -26.00 11.07 -7.81
N TYR A 213 -24.83 11.15 -8.47
CA TYR A 213 -23.86 10.06 -8.46
C TYR A 213 -23.20 9.79 -7.10
N HIS A 214 -22.86 10.86 -6.39
CA HIS A 214 -22.22 10.74 -5.10
C HIS A 214 -23.17 10.16 -4.07
N LEU A 215 -24.46 10.47 -4.22
CA LEU A 215 -25.44 9.88 -3.33
C LEU A 215 -25.54 8.39 -3.59
N LYS A 216 -25.50 8.01 -4.86
CA LYS A 216 -25.56 6.60 -5.18
C LYS A 216 -24.38 5.89 -4.52
N HIS A 217 -23.24 6.57 -4.57
CA HIS A 217 -22.02 6.05 -3.97
C HIS A 217 -22.09 6.07 -2.44
N LEU A 218 -22.62 7.15 -1.88
CA LEU A 218 -22.75 7.24 -0.43
C LEU A 218 -23.58 6.08 0.12
N ALA A 219 -24.61 5.72 -0.62
CA ALA A 219 -25.43 4.55 -0.29
C ALA A 219 -24.62 3.25 -0.19
N ILE A 220 -23.89 2.91 -1.24
CA ILE A 220 -23.11 1.66 -1.23
C ILE A 220 -22.05 1.71 -0.13
N ALA A 221 -21.52 2.90 0.11
CA ALA A 221 -20.56 3.12 1.19
C ALA A 221 -21.18 2.67 2.51
N GLN A 222 -22.29 3.30 2.88
CA GLN A 222 -23.01 2.92 4.09
C GLN A 222 -23.34 1.45 4.06
N GLU A 223 -23.93 1.01 2.95
CA GLU A 223 -24.34 -0.38 2.77
C GLU A 223 -23.19 -1.31 3.13
N LEU A 224 -22.04 -1.09 2.51
CA LEU A 224 -20.87 -1.92 2.75
C LEU A 224 -20.09 -1.45 3.98
N LYS A 225 -20.63 -0.44 4.66
CA LYS A 225 -20.04 0.10 5.88
C LYS A 225 -18.57 0.57 5.72
N ASP A 226 -18.28 1.23 4.60
CA ASP A 226 -16.96 1.82 4.35
C ASP A 226 -16.91 3.24 4.93
N ARG A 227 -16.49 3.34 6.19
CA ARG A 227 -16.50 4.61 6.89
C ARG A 227 -15.68 5.67 6.14
N ILE A 228 -14.41 5.37 5.87
CA ILE A 228 -13.49 6.28 5.17
C ILE A 228 -14.10 6.79 3.86
N GLY A 229 -14.68 5.89 3.08
CA GLY A 229 -15.47 6.27 1.91
C GLY A 229 -16.65 7.19 2.21
N GLU A 230 -17.26 7.04 3.39
CA GLU A 230 -18.38 7.91 3.77
C GLU A 230 -17.90 9.34 3.96
N GLY A 231 -16.84 9.53 4.75
CA GLY A 231 -16.24 10.85 4.93
C GLY A 231 -15.85 11.53 3.63
N ARG A 232 -15.66 10.74 2.59
CA ARG A 232 -15.29 11.26 1.29
C ARG A 232 -16.50 11.82 0.55
N ALA A 233 -17.53 10.99 0.39
CA ALA A 233 -18.80 11.45 -0.16
C ALA A 233 -19.30 12.73 0.51
N CYS A 234 -19.33 12.73 1.83
CA CYS A 234 -19.89 13.85 2.58
C CYS A 234 -19.15 15.11 2.27
N TRP A 235 -17.83 15.07 2.20
CA TRP A 235 -17.12 16.27 1.83
C TRP A 235 -17.54 16.70 0.45
N SER A 236 -17.51 15.76 -0.48
CA SER A 236 -17.83 16.02 -1.87
C SER A 236 -19.19 16.68 -2.03
N LEU A 237 -20.24 15.97 -1.59
CA LEU A 237 -21.60 16.49 -1.52
C LEU A 237 -21.66 17.90 -0.92
N GLY A 238 -21.19 18.05 0.30
CA GLY A 238 -21.19 19.35 0.93
C GLY A 238 -20.43 20.38 0.11
N ASN A 239 -19.54 19.91 -0.76
CA ASN A 239 -18.82 20.86 -1.58
C ASN A 239 -19.57 21.21 -2.86
N ALA A 240 -20.27 20.23 -3.41
CA ALA A 240 -21.15 20.44 -4.56
C ALA A 240 -22.28 21.42 -4.22
N TYR A 241 -23.04 21.08 -3.19
CA TYR A 241 -24.18 21.88 -2.76
C TYR A 241 -23.78 23.31 -2.54
N THR A 242 -22.66 23.49 -1.87
CA THR A 242 -22.05 24.81 -1.74
C THR A 242 -22.09 25.56 -3.07
N ALA A 243 -21.67 24.89 -4.14
CA ALA A 243 -21.62 25.51 -5.46
C ALA A 243 -23.01 25.67 -6.06
N LEU A 244 -24.02 25.14 -5.38
CA LEU A 244 -25.38 25.32 -5.84
C LEU A 244 -26.08 26.43 -5.08
N GLY A 245 -25.56 26.76 -3.90
CA GLY A 245 -26.18 27.76 -3.06
C GLY A 245 -27.07 27.14 -2.00
N ASN A 246 -27.09 25.81 -1.96
CA ASN A 246 -27.82 25.12 -0.91
C ASN A 246 -26.99 25.05 0.37
N HIS A 247 -26.91 26.17 1.08
CA HIS A 247 -26.19 26.24 2.34
C HIS A 247 -26.77 25.25 3.34
N ASP A 248 -28.08 25.05 3.28
CA ASP A 248 -28.76 24.12 4.18
C ASP A 248 -28.18 22.69 4.09
N GLN A 249 -28.12 22.16 2.88
CA GLN A 249 -27.60 20.81 2.67
C GLN A 249 -26.08 20.72 2.77
N ALA A 250 -25.42 21.78 2.30
CA ALA A 250 -23.97 21.89 2.42
C ALA A 250 -23.57 21.80 3.89
N MET A 251 -24.14 22.68 4.72
CA MET A 251 -23.86 22.68 6.16
C MET A 251 -23.99 21.29 6.75
N HIS A 252 -25.03 20.58 6.34
CA HIS A 252 -25.30 19.23 6.82
C HIS A 252 -24.07 18.35 6.60
N PHE A 253 -23.76 18.10 5.34
CA PHE A 253 -22.73 17.13 4.96
C PHE A 253 -21.35 17.45 5.49
N ALA A 254 -20.98 18.72 5.48
CA ALA A 254 -19.74 19.14 6.09
C ALA A 254 -19.62 18.60 7.52
N GLU A 255 -20.73 18.59 8.25
CA GLU A 255 -20.76 18.08 9.62
C GLU A 255 -20.63 16.57 9.66
N LYS A 256 -21.32 15.86 8.76
CA LYS A 256 -21.15 14.42 8.70
C LYS A 256 -19.68 14.10 8.41
N HIS A 257 -19.10 14.80 7.43
CA HIS A 257 -17.70 14.62 7.10
C HIS A 257 -16.80 14.94 8.28
N LEU A 258 -17.10 16.04 8.96
CA LEU A 258 -16.32 16.46 10.13
C LEU A 258 -16.23 15.38 11.21
N GLU A 259 -17.30 14.63 11.39
CA GLU A 259 -17.36 13.64 12.46
C GLU A 259 -16.50 12.45 12.13
N ILE A 260 -16.53 12.06 10.87
CA ILE A 260 -15.81 10.88 10.42
C ILE A 260 -14.35 11.22 10.37
N SER A 261 -14.04 12.38 9.76
CA SER A 261 -12.71 12.96 9.79
C SER A 261 -12.10 12.88 11.19
N ARG A 262 -12.81 13.41 12.18
CA ARG A 262 -12.31 13.48 13.55
C ARG A 262 -11.83 12.11 14.09
N GLU A 263 -12.58 11.06 13.78
CA GLU A 263 -12.30 9.75 14.36
C GLU A 263 -11.20 8.96 13.64
N VAL A 264 -11.02 9.18 12.35
CA VAL A 264 -9.99 8.47 11.61
C VAL A 264 -8.59 9.06 11.87
N GLY A 265 -8.54 10.22 12.52
CA GLY A 265 -7.28 10.82 12.90
C GLY A 265 -6.69 10.12 14.12
N ASP A 266 -7.58 9.71 15.02
CA ASP A 266 -7.16 9.05 16.25
C ASP A 266 -6.75 7.58 16.00
N LEU A 267 -7.01 7.11 14.77
CA LEU A 267 -6.73 5.72 14.39
C LEU A 267 -5.25 5.40 14.25
N GLU A 268 -4.89 4.15 14.47
CA GLU A 268 -3.50 3.72 14.45
C GLU A 268 -3.26 2.52 13.53
N VAL A 269 -4.34 1.82 13.20
CA VAL A 269 -4.29 0.74 12.20
C VAL A 269 -5.55 0.71 11.30
N LEU A 270 -5.39 0.29 10.03
CA LEU A 270 -6.54 0.06 9.14
C LEU A 270 -6.25 -1.01 8.06
N PHE A 271 -7.22 -1.91 7.88
CA PHE A 271 -7.16 -3.03 6.93
C PHE A 271 -6.34 -2.80 5.64
N PRO A 274 -3.89 -0.77 0.62
CA PRO A 274 -4.21 0.33 -0.29
C PRO A 274 -3.77 1.68 0.29
N PRO A 275 -2.57 2.16 -0.10
CA PRO A 275 -1.87 3.26 0.59
C PRO A 275 -2.33 4.68 0.26
N ASP A 276 -3.43 5.12 0.87
CA ASP A 276 -3.94 6.49 0.72
C ASP A 276 -2.91 7.56 1.08
N GLU A 277 -2.25 8.12 0.07
CA GLU A 277 -1.29 9.19 0.27
C GLU A 277 -1.75 10.50 -0.37
N ASP A 278 -3.05 10.78 -0.34
CA ASP A 278 -3.49 12.05 -0.91
C ASP A 278 -3.84 13.10 0.12
N PHE A 279 -3.56 12.79 1.38
CA PHE A 279 -3.72 13.76 2.47
C PHE A 279 -5.02 14.54 2.40
N PHE A 280 -6.10 13.79 2.22
CA PHE A 280 -7.42 14.33 1.96
C PHE A 280 -7.92 15.19 3.10
N ASP A 281 -7.86 14.66 4.32
CA ASP A 281 -8.45 15.32 5.50
C ASP A 281 -7.61 16.48 6.00
N ILE A 282 -6.59 16.83 5.23
CA ILE A 282 -5.77 18.02 5.50
C ILE A 282 -5.96 19.03 4.38
N LEU A 283 -5.87 18.55 3.14
CA LEU A 283 -5.98 19.43 1.96
C LEU A 283 -7.32 20.08 1.90
N VAL A 284 -8.34 19.33 2.30
CA VAL A 284 -9.74 19.73 2.17
C VAL A 284 -10.13 20.82 3.19
N LYS A 285 -9.30 20.95 4.22
CA LYS A 285 -9.51 21.91 5.29
C LYS A 285 -8.33 22.86 5.33
N CYS A 286 -8.02 23.47 4.18
CA CYS A 286 -6.88 24.38 4.09
C CYS A 286 -7.31 25.75 3.59
N GLN A 287 -8.53 26.13 3.91
CA GLN A 287 -9.12 27.38 3.45
C GLN A 287 -9.19 28.45 4.54
N GLY A 288 -8.47 29.54 4.31
CA GLY A 288 -8.44 30.63 5.25
C GLY A 288 -7.70 30.23 6.50
N SER A 289 -8.17 30.71 7.65
CA SER A 289 -7.56 30.38 8.95
C SER A 289 -8.49 29.58 9.86
N ARG A 290 -9.52 28.97 9.27
CA ARG A 290 -10.37 28.04 10.00
C ARG A 290 -9.85 26.60 9.81
N LEU A 291 -8.72 26.31 10.47
CA LEU A 291 -7.91 25.13 10.16
C LEU A 291 -7.88 24.09 11.26
N ASP A 292 -8.66 24.30 12.31
CA ASP A 292 -8.60 23.48 13.50
C ASP A 292 -9.02 22.03 13.23
N ASP A 293 -9.65 21.77 12.08
CA ASP A 293 -10.20 20.45 11.81
C ASP A 293 -9.41 19.62 10.80
N GLN A 294 -8.16 20.03 10.55
CA GLN A 294 -7.25 19.21 9.76
C GLN A 294 -6.98 17.90 10.48
N ARG A 295 -7.07 16.79 9.76
CA ARG A 295 -6.80 15.48 10.33
C ARG A 295 -5.88 14.71 9.39
N CYS A 296 -5.07 13.85 9.98
CA CYS A 296 -4.20 12.99 9.19
C CYS A 296 -3.76 11.81 10.03
N ALA A 297 -3.92 10.61 9.50
CA ALA A 297 -3.51 9.41 10.21
C ALA A 297 -2.08 9.01 9.83
N PRO A 298 -1.42 8.24 10.72
CA PRO A 298 -0.15 7.58 10.42
C PRO A 298 -0.27 6.67 9.22
N PRO A 299 0.86 6.33 8.59
CA PRO A 299 0.84 5.50 7.39
C PRO A 299 0.15 4.13 7.56
N SER A 300 0.25 3.54 8.75
CA SER A 300 -0.40 2.25 9.02
C SER A 300 -1.90 2.37 8.83
N ALA A 301 -2.48 3.41 9.40
CA ALA A 301 -3.94 3.60 9.34
C ALA A 301 -4.36 4.42 8.11
N ALA A 302 -3.39 4.78 7.30
CA ALA A 302 -3.67 5.59 6.12
C ALA A 302 -4.03 4.73 4.90
N THR A 303 -5.14 4.01 5.02
CA THR A 303 -5.65 3.18 3.91
C THR A 303 -6.93 3.76 3.37
N LYS A 304 -7.18 3.53 2.09
CA LYS A 304 -8.38 3.98 1.45
C LYS A 304 -9.41 2.86 1.45
N GLY A 305 -10.68 3.22 1.61
CA GLY A 305 -11.77 2.28 1.59
C GLY A 305 -11.95 1.62 0.24
N PRO A 306 -12.76 0.57 0.20
CA PRO A 306 -13.04 -0.24 -0.99
C PRO A 306 -13.88 0.51 -2.01
N THR A 307 -14.55 1.58 -1.58
CA THR A 307 -15.40 2.37 -2.46
C THR A 307 -14.77 3.67 -2.95
N VAL A 308 -13.63 4.03 -2.38
CA VAL A 308 -12.89 5.17 -2.89
C VAL A 308 -12.19 4.76 -4.19
N PRO A 309 -12.30 5.59 -5.23
CA PRO A 309 -11.66 5.25 -6.51
C PRO A 309 -10.14 5.34 -6.42
N ASP A 310 -9.44 4.67 -7.32
CA ASP A 310 -8.00 4.79 -7.43
C ASP A 310 -7.58 6.25 -7.43
N GLU A 311 -8.34 7.06 -8.17
CA GLU A 311 -8.06 8.48 -8.27
C GLU A 311 -9.21 9.29 -7.75
N ASP A 312 -8.92 10.16 -6.80
CA ASP A 312 -9.93 11.07 -6.31
C ASP A 312 -9.42 12.45 -6.67
N PHE A 313 -10.23 13.19 -7.42
CA PHE A 313 -9.77 14.44 -8.01
C PHE A 313 -10.22 15.63 -7.20
N PHE A 314 -10.32 15.45 -5.88
CA PHE A 314 -10.70 16.55 -4.99
C PHE A 314 -9.80 17.78 -5.16
N SER A 315 -8.50 17.56 -5.23
CA SER A 315 -7.56 18.69 -5.28
C SER A 315 -7.67 19.45 -6.59
N LEU A 316 -7.99 18.73 -7.66
CA LEU A 316 -8.17 19.38 -8.95
C LEU A 316 -9.37 20.30 -8.82
N ILE A 317 -10.49 19.69 -8.43
CA ILE A 317 -11.72 20.39 -8.14
C ILE A 317 -11.45 21.58 -7.24
N LEU A 318 -10.73 21.35 -6.16
CA LEU A 318 -10.39 22.42 -5.25
C LEU A 318 -9.64 23.54 -5.95
N ARG A 319 -8.55 23.19 -6.62
CA ARG A 319 -7.72 24.16 -7.33
C ARG A 319 -8.47 24.79 -8.48
N SER A 320 -9.42 24.04 -9.06
CA SER A 320 -10.16 24.49 -10.22
C SER A 320 -11.20 25.57 -9.91
N GLN A 321 -11.87 25.43 -8.78
CA GLN A 321 -12.80 26.46 -8.36
C GLN A 321 -12.04 27.57 -7.67
N ALA A 322 -10.82 27.26 -7.26
CA ALA A 322 -9.91 28.29 -6.73
C ALA A 322 -9.56 29.26 -7.83
N LYS A 323 -9.22 28.72 -9.01
CA LYS A 323 -8.91 29.54 -10.18
C LYS A 323 -10.08 30.44 -10.57
N ARG A 324 -11.29 29.89 -10.56
CA ARG A 324 -12.47 30.67 -10.96
C ARG A 324 -12.87 31.77 -9.98
N MET A 325 -12.71 31.52 -8.68
CA MET A 325 -12.94 32.55 -7.67
C MET A 325 -12.10 33.80 -7.96
N ASP A 326 -10.85 33.58 -8.34
CA ASP A 326 -9.91 34.66 -8.64
C ASP A 326 -10.22 35.30 -10.00
N GLU A 327 -10.82 34.52 -10.88
CA GLU A 327 -11.16 35.03 -12.20
C GLU A 327 -12.35 35.99 -12.16
N GLN A 328 -13.31 35.71 -11.29
CA GLN A 328 -14.46 36.60 -11.11
C GLN A 328 -14.04 37.91 -10.44
N ARG A 329 -13.00 37.85 -9.60
CA ARG A 329 -12.55 38.97 -8.76
C ARG A 329 -12.58 40.37 -9.40
N VAL A 330 -12.36 40.45 -10.71
CA VAL A 330 -12.67 41.66 -11.47
C VAL A 330 -13.04 41.31 -12.91
N ASN B 26 1.44 14.15 -2.87
CA ASN B 26 0.76 15.33 -2.36
C ASN B 26 1.43 15.91 -1.11
N PHE B 27 2.66 15.49 -0.86
CA PHE B 27 3.28 15.70 0.44
C PHE B 27 3.61 17.15 0.69
N ASP B 28 3.65 17.96 -0.37
CA ASP B 28 4.05 19.34 -0.17
C ASP B 28 2.89 20.30 0.12
N GLU B 29 1.82 20.22 -0.65
CA GLU B 29 0.62 20.97 -0.29
C GLU B 29 0.27 20.66 1.17
N ALA B 30 0.26 19.37 1.52
CA ALA B 30 -0.07 18.95 2.88
C ALA B 30 0.80 19.60 3.96
N ILE B 31 2.11 19.63 3.75
CA ILE B 31 3.01 20.12 4.80
C ILE B 31 2.77 21.61 5.07
N VAL B 32 2.52 22.39 4.02
CA VAL B 32 2.33 23.81 4.27
C VAL B 32 1.05 24.08 5.03
N CYS B 33 0.01 23.32 4.71
CA CYS B 33 -1.23 23.37 5.48
C CYS B 33 -1.03 23.11 6.98
N CYS B 34 -0.29 22.06 7.32
CA CYS B 34 -0.10 21.78 8.74
C CYS B 34 0.71 22.90 9.32
N GLN B 35 1.68 23.37 8.53
CA GLN B 35 2.54 24.46 8.99
C GLN B 35 1.68 25.70 9.29
N ARG B 36 0.77 26.02 8.37
CA ARG B 36 -0.21 27.08 8.60
C ARG B 36 -0.94 26.84 9.90
N HIS B 37 -1.50 25.65 10.04
CA HIS B 37 -2.29 25.26 11.22
C HIS B 37 -1.49 25.47 12.50
N LEU B 38 -0.27 24.95 12.49
CA LEU B 38 0.62 25.04 13.64
C LEU B 38 0.96 26.50 13.96
N ASP B 39 1.37 27.23 12.92
CA ASP B 39 1.65 28.66 12.99
C ASP B 39 0.58 29.38 13.78
N ILE B 40 -0.67 29.22 13.32
CA ILE B 40 -1.85 29.84 13.90
C ILE B 40 -2.03 29.41 15.36
N SER B 41 -1.85 28.12 15.62
CA SER B 41 -2.18 27.58 16.93
C SER B 41 -1.22 28.12 17.96
N ARG B 42 -0.01 28.44 17.49
CA ARG B 42 1.02 29.01 18.33
C ARG B 42 0.69 30.47 18.63
N GLU B 43 0.30 31.18 17.58
CA GLU B 43 -0.19 32.55 17.72
C GLU B 43 -1.36 32.63 18.69
N LEU B 44 -2.27 31.68 18.60
CA LEU B 44 -3.47 31.75 19.43
C LEU B 44 -3.29 31.14 20.82
N ASN B 45 -2.07 30.70 21.11
CA ASN B 45 -1.77 30.00 22.37
C ASN B 45 -2.70 28.79 22.56
N ASP B 46 -2.91 28.07 21.46
CA ASP B 46 -3.77 26.90 21.39
C ASP B 46 -2.91 25.62 21.58
N LYS B 47 -2.79 25.18 22.83
CA LYS B 47 -2.02 24.00 23.19
C LYS B 47 -2.53 22.69 22.55
N VAL B 48 -3.84 22.51 22.47
CA VAL B 48 -4.40 21.32 21.83
C VAL B 48 -4.07 21.32 20.35
N GLY B 49 -4.46 22.37 19.66
CA GLY B 49 -4.31 22.42 18.22
C GLY B 49 -2.87 22.40 17.78
N GLU B 50 -1.98 22.93 18.61
CA GLU B 50 -0.57 22.86 18.30
C GLU B 50 -0.12 21.40 18.31
N ALA B 51 -0.57 20.65 19.31
CA ALA B 51 -0.23 19.24 19.42
C ALA B 51 -0.79 18.46 18.27
N ARG B 52 -1.97 18.88 17.78
CA ARG B 52 -2.59 18.18 16.69
C ARG B 52 -1.84 18.47 15.40
N ALA B 53 -1.44 19.73 15.20
CA ALA B 53 -0.68 20.09 14.00
C ALA B 53 0.65 19.38 13.96
N LEU B 54 1.24 19.17 15.13
CA LEU B 54 2.53 18.50 15.22
C LEU B 54 2.40 17.05 14.82
N TYR B 55 1.30 16.41 15.24
CA TYR B 55 0.97 15.02 14.89
C TYR B 55 0.72 14.90 13.40
N ASN B 56 -0.08 15.84 12.87
CA ASN B 56 -0.40 15.80 11.45
C ASN B 56 0.86 15.94 10.63
N LEU B 57 1.68 16.91 11.01
CA LEU B 57 2.96 17.15 10.36
C LEU B 57 3.94 15.97 10.50
N GLY B 58 4.01 15.37 11.68
CA GLY B 58 4.78 14.15 11.83
C GLY B 58 4.25 13.01 10.96
N ASN B 59 2.94 12.94 10.76
CA ASN B 59 2.39 11.86 9.92
C ASN B 59 2.71 12.02 8.45
N VAL B 60 2.83 13.26 7.99
CA VAL B 60 3.10 13.49 6.59
C VAL B 60 4.55 13.16 6.26
N TYR B 61 5.46 13.68 7.08
CA TYR B 61 6.87 13.33 6.98
C TYR B 61 7.10 11.85 7.05
N HIS B 62 6.53 11.21 8.07
CA HIS B 62 6.54 9.78 8.22
C HIS B 62 6.22 9.11 6.89
N ALA B 63 5.15 9.56 6.25
CA ALA B 63 4.72 8.92 5.01
C ALA B 63 5.62 9.31 3.84
N LYS B 64 6.19 10.51 3.89
CA LYS B 64 7.16 10.94 2.89
C LYS B 64 8.40 10.08 2.99
N GLY B 65 8.88 9.90 4.21
CA GLY B 65 9.99 9.01 4.52
C GLY B 65 9.93 7.60 3.91
N LYS B 66 8.75 7.01 3.79
CA LYS B 66 8.65 5.71 3.09
C LYS B 66 8.10 5.78 1.66
N SER B 67 8.35 6.89 0.97
CA SER B 67 7.92 7.04 -0.43
C SER B 67 8.67 8.12 -1.21
N PHE B 68 9.59 8.82 -0.56
CA PHE B 68 10.33 9.88 -1.24
C PHE B 68 11.55 10.32 -0.45
N GLU B 81 18.96 8.62 0.49
CA GLU B 81 19.04 8.76 1.95
C GLU B 81 18.91 10.21 2.44
N ASP B 82 18.16 11.02 1.68
CA ASP B 82 17.65 12.31 2.15
C ASP B 82 16.26 12.02 2.69
N VAL B 83 15.85 10.76 2.51
CA VAL B 83 14.73 10.16 3.22
C VAL B 83 14.97 10.22 4.73
N ARG B 84 16.20 9.93 5.16
CA ARG B 84 16.57 10.07 6.57
C ARG B 84 16.22 11.45 7.11
N ASN B 85 16.17 12.44 6.22
CA ASN B 85 15.76 13.78 6.60
C ASN B 85 14.25 13.83 6.90
N ALA B 86 13.44 13.16 6.06
CA ALA B 86 12.00 13.11 6.26
C ALA B 86 11.68 12.37 7.53
N LEU B 87 12.40 11.27 7.74
CA LEU B 87 12.11 10.39 8.86
C LEU B 87 12.57 10.99 10.18
N GLN B 88 13.76 11.58 10.21
CA GLN B 88 14.24 12.18 11.43
C GLN B 88 13.36 13.37 11.82
N ALA B 89 12.81 14.07 10.83
CA ALA B 89 11.86 15.14 11.11
C ALA B 89 10.66 14.58 11.86
N ALA B 90 10.02 13.55 11.28
CA ALA B 90 8.85 12.90 11.87
C ALA B 90 9.10 12.57 13.34
N VAL B 91 10.24 11.93 13.62
CA VAL B 91 10.66 11.67 14.99
C VAL B 91 10.72 12.95 15.83
N ASP B 92 11.42 13.97 15.34
CA ASP B 92 11.51 15.23 16.05
C ASP B 92 10.11 15.74 16.32
N LEU B 93 9.30 15.82 15.26
CA LEU B 93 7.89 16.23 15.37
C LEU B 93 7.03 15.43 16.37
N TYR B 94 7.05 14.10 16.24
CA TYR B 94 6.35 13.23 17.20
C TYR B 94 6.84 13.47 18.64
N GLU B 95 8.16 13.59 18.83
CA GLU B 95 8.70 13.79 20.18
C GLU B 95 8.23 15.12 20.79
N GLU B 96 8.17 16.16 19.98
CA GLU B 96 7.63 17.43 20.46
C GLU B 96 6.19 17.22 20.89
N ASN B 97 5.37 16.72 19.98
CA ASN B 97 3.97 16.45 20.27
C ASN B 97 3.80 15.65 21.55
N LEU B 98 4.61 14.61 21.71
CA LEU B 98 4.55 13.76 22.89
C LEU B 98 4.60 14.52 24.23
N SER B 99 5.62 15.37 24.38
CA SER B 99 5.82 16.10 25.62
C SER B 99 4.63 16.99 25.87
N LEU B 100 3.98 17.39 24.79
CA LEU B 100 2.86 18.33 24.80
C LEU B 100 1.56 17.66 25.25
N VAL B 101 1.24 16.57 24.58
CA VAL B 101 0.13 15.71 24.94
C VAL B 101 0.32 15.14 26.36
N THR B 102 1.57 15.11 26.83
CA THR B 102 1.85 14.65 28.19
C THR B 102 1.56 15.77 29.18
N ALA B 103 1.96 17.00 28.84
CA ALA B 103 1.56 18.17 29.59
C ALA B 103 0.04 18.19 29.72
N LEU B 104 -0.66 18.02 28.61
CA LEU B 104 -2.10 17.87 28.64
C LEU B 104 -2.52 16.66 29.49
N GLY B 105 -1.83 15.55 29.31
CA GLY B 105 -2.12 14.35 30.07
C GLY B 105 -3.12 13.42 29.40
N ASP B 106 -3.06 13.32 28.08
CA ASP B 106 -3.94 12.41 27.36
C ASP B 106 -3.20 11.10 27.11
N ARG B 107 -3.57 10.07 27.86
CA ARG B 107 -2.83 8.81 27.78
C ARG B 107 -2.98 8.14 26.41
N ALA B 108 -4.18 8.17 25.83
CA ALA B 108 -4.35 7.63 24.47
C ALA B 108 -3.53 8.40 23.43
N ALA B 109 -3.47 9.72 23.58
CA ALA B 109 -2.72 10.56 22.64
C ALA B 109 -1.21 10.40 22.79
N GLN B 110 -0.75 10.21 24.02
CA GLN B 110 0.65 9.83 24.26
C GLN B 110 0.87 8.53 23.51
N GLY B 111 -0.08 7.60 23.67
CA GLY B 111 -0.03 6.31 23.04
C GLY B 111 0.18 6.36 21.54
N ARG B 112 -0.51 7.28 20.87
CA ARG B 112 -0.43 7.38 19.42
C ARG B 112 0.96 7.84 18.98
N ALA B 113 1.51 8.79 19.74
CA ALA B 113 2.87 9.28 19.52
C ALA B 113 3.90 8.20 19.76
N PHE B 114 3.84 7.54 20.92
CA PHE B 114 4.78 6.45 21.20
C PHE B 114 4.79 5.45 20.05
N GLY B 115 3.60 5.02 19.63
CA GLY B 115 3.47 4.00 18.60
C GLY B 115 4.07 4.48 17.30
N ASN B 116 3.86 5.76 17.00
CA ASN B 116 4.46 6.34 15.80
C ASN B 116 5.98 6.42 15.86
N LEU B 117 6.48 6.97 16.96
CA LEU B 117 7.88 6.90 17.33
C LEU B 117 8.53 5.53 17.20
N GLY B 118 7.86 4.50 17.67
CA GLY B 118 8.39 3.16 17.51
C GLY B 118 8.55 2.84 16.03
N ASN B 119 7.57 3.23 15.23
CA ASN B 119 7.57 2.81 13.84
C ASN B 119 8.55 3.63 13.02
N THR B 120 8.80 4.84 13.48
CA THR B 120 9.69 5.70 12.72
C THR B 120 11.12 5.30 13.02
N HIS B 121 11.42 5.14 14.29
CA HIS B 121 12.73 4.66 14.70
C HIS B 121 13.06 3.34 14.05
N TYR B 122 12.06 2.50 13.93
CA TYR B 122 12.22 1.20 13.35
C TYR B 122 12.68 1.34 11.91
N LEU B 123 12.04 2.23 11.17
CA LEU B 123 12.41 2.51 9.78
C LEU B 123 13.83 3.10 9.64
N LEU B 124 14.31 3.71 10.72
CA LEU B 124 15.60 4.39 10.76
C LEU B 124 16.75 3.46 11.17
N GLY B 125 16.39 2.37 11.85
CA GLY B 125 17.38 1.39 12.29
C GLY B 125 17.57 1.45 13.78
N ASN B 126 17.04 2.51 14.40
CA ASN B 126 17.21 2.70 15.82
C ASN B 126 16.34 1.73 16.59
N PHE B 127 16.67 0.45 16.45
CA PHE B 127 15.90 -0.63 17.03
C PHE B 127 15.91 -0.53 18.54
N ARG B 128 16.97 0.07 19.05
CA ARG B 128 17.06 0.42 20.46
C ARG B 128 15.85 1.28 20.81
N ASP B 129 15.73 2.40 20.12
CA ASP B 129 14.70 3.39 20.42
C ASP B 129 13.31 2.87 20.10
N ALA B 130 13.24 2.14 18.99
CA ALA B 130 12.01 1.47 18.63
C ALA B 130 11.46 0.77 19.86
N VAL B 131 12.22 -0.19 20.39
CA VAL B 131 11.81 -0.95 21.58
C VAL B 131 11.31 -0.12 22.77
N ILE B 132 12.08 0.89 23.17
CA ILE B 132 11.70 1.78 24.27
C ILE B 132 10.32 2.38 24.06
N ALA B 133 10.04 2.78 22.82
CA ALA B 133 8.80 3.46 22.47
C ALA B 133 7.61 2.50 22.38
N HIS B 134 7.85 1.32 21.83
CA HIS B 134 6.77 0.37 21.64
C HIS B 134 6.45 -0.20 23.00
N GLU B 135 7.48 -0.32 23.85
CA GLU B 135 7.25 -0.81 25.18
C GLU B 135 6.19 0.01 25.88
N GLN B 136 6.32 1.33 25.81
CA GLN B 136 5.33 2.19 26.44
C GLN B 136 3.96 1.93 25.84
N ARG B 137 3.93 1.94 24.52
CA ARG B 137 2.72 1.66 23.76
C ARG B 137 1.98 0.40 24.25
N LEU B 138 2.73 -0.69 24.47
CA LEU B 138 2.15 -1.92 25.01
C LEU B 138 1.53 -1.67 26.38
N LEU B 139 2.23 -0.91 27.22
CA LEU B 139 1.74 -0.59 28.56
C LEU B 139 0.48 0.24 28.52
N ILE B 140 0.41 1.13 27.54
CA ILE B 140 -0.75 1.99 27.40
C ILE B 140 -1.94 1.20 26.83
N ALA B 141 -1.65 0.27 25.93
CA ALA B 141 -2.69 -0.66 25.48
C ALA B 141 -3.16 -1.55 26.62
N LYS B 142 -2.26 -1.85 27.56
CA LYS B 142 -2.61 -2.67 28.71
C LYS B 142 -3.52 -1.91 29.67
N GLU B 143 -3.18 -0.65 29.95
CA GLU B 143 -4.01 0.25 30.75
C GLU B 143 -5.45 0.35 30.26
N PHE B 144 -5.61 0.47 28.95
CA PHE B 144 -6.94 0.60 28.34
C PHE B 144 -7.56 -0.77 28.06
N GLY B 145 -6.84 -1.85 28.38
CA GLY B 145 -7.29 -3.20 28.07
C GLY B 145 -7.49 -3.39 26.57
N ASP B 146 -6.62 -2.77 25.78
CA ASP B 146 -6.73 -2.85 24.33
C ASP B 146 -5.97 -4.07 23.81
N LYS B 147 -6.68 -5.15 23.55
CA LYS B 147 -6.05 -6.41 23.16
C LYS B 147 -5.44 -6.35 21.75
N ALA B 148 -6.14 -5.70 20.82
CA ALA B 148 -5.65 -5.52 19.46
C ALA B 148 -4.36 -4.69 19.40
N ALA B 149 -4.30 -3.64 20.22
CA ALA B 149 -3.15 -2.77 20.27
C ALA B 149 -2.04 -3.44 21.05
N GLU B 150 -2.44 -4.24 22.03
CA GLU B 150 -1.49 -5.01 22.84
C GLU B 150 -0.72 -5.91 21.89
N ARG B 151 -1.48 -6.62 21.05
CA ARG B 151 -0.97 -7.62 20.13
C ARG B 151 -0.04 -7.06 19.07
N ARG B 152 -0.48 -5.98 18.44
CA ARG B 152 0.31 -5.26 17.46
C ARG B 152 1.65 -4.84 18.04
N ALA B 153 1.65 -4.41 19.30
CA ALA B 153 2.87 -3.95 19.98
C ALA B 153 3.83 -5.09 20.27
N TYR B 154 3.30 -6.21 20.78
CA TYR B 154 4.11 -7.42 20.96
C TYR B 154 4.74 -7.78 19.63
N SER B 155 3.90 -7.74 18.59
CA SER B 155 4.34 -8.11 17.24
C SER B 155 5.41 -7.12 16.77
N ASN B 156 5.20 -5.83 17.00
CA ASN B 156 6.19 -4.84 16.62
C ASN B 156 7.49 -5.07 17.37
N LEU B 157 7.40 -5.38 18.66
CA LEU B 157 8.58 -5.58 19.49
C LEU B 157 9.39 -6.76 19.01
N GLY B 158 8.69 -7.82 18.61
CA GLY B 158 9.31 -9.00 18.02
C GLY B 158 10.14 -8.71 16.78
N ASN B 159 9.61 -7.92 15.86
CA ASN B 159 10.35 -7.44 14.69
C ASN B 159 11.65 -6.73 15.07
N ALA B 160 11.57 -5.80 16.00
CA ALA B 160 12.74 -5.04 16.43
C ALA B 160 13.81 -5.98 16.98
N TYR B 161 13.42 -6.90 17.85
CA TYR B 161 14.37 -7.85 18.43
C TYR B 161 15.02 -8.76 17.41
N ILE B 162 14.31 -9.02 16.32
CA ILE B 162 14.86 -9.84 15.26
C ILE B 162 15.97 -9.09 14.55
N PHE B 163 15.79 -7.81 14.38
CA PHE B 163 16.83 -7.05 13.72
C PHE B 163 18.05 -6.83 14.61
N LEU B 164 17.83 -6.86 15.93
CA LEU B 164 18.92 -6.82 16.91
C LEU B 164 19.69 -8.13 17.05
N GLY B 165 19.26 -9.17 16.34
CA GLY B 165 19.86 -10.49 16.47
C GLY B 165 19.49 -11.16 17.78
N GLU B 166 18.62 -10.53 18.57
CA GLU B 166 18.16 -11.13 19.81
C GLU B 166 16.95 -12.07 19.59
N PHE B 167 17.17 -13.16 18.87
CA PHE B 167 16.08 -14.08 18.45
C PHE B 167 15.38 -14.81 19.59
N GLU B 168 16.11 -15.08 20.67
CA GLU B 168 15.53 -15.72 21.83
C GLU B 168 14.41 -14.83 22.40
N THR B 169 14.77 -13.59 22.73
CA THR B 169 13.86 -12.62 23.32
C THR B 169 12.69 -12.26 22.37
N ALA B 170 12.91 -12.51 21.08
CA ALA B 170 11.91 -12.20 20.07
C ALA B 170 10.82 -13.28 19.98
N SER B 171 11.23 -14.54 20.08
CA SER B 171 10.27 -15.64 20.09
C SER B 171 9.37 -15.50 21.33
N GLU B 172 9.93 -14.91 22.38
CA GLU B 172 9.14 -14.64 23.57
C GLU B 172 7.94 -13.76 23.24
N TYR B 173 8.15 -12.73 22.42
CA TYR B 173 7.06 -11.81 22.07
C TYR B 173 6.10 -12.39 21.05
N TYR B 174 6.65 -13.08 20.06
CA TYR B 174 5.82 -13.67 19.04
C TYR B 174 4.86 -14.67 19.66
N LYS B 175 5.33 -15.43 20.64
CA LYS B 175 4.46 -16.35 21.36
C LYS B 175 3.37 -15.59 22.11
N LYS B 176 3.72 -14.45 22.69
CA LYS B 176 2.71 -13.60 23.31
C LYS B 176 1.67 -13.18 22.27
N THR B 177 2.15 -12.68 21.14
CA THR B 177 1.26 -12.23 20.09
C THR B 177 0.40 -13.38 19.54
N LEU B 178 0.91 -14.61 19.62
CA LEU B 178 0.15 -15.77 19.14
C LEU B 178 -1.01 -16.12 20.06
N LEU B 179 -0.74 -16.10 21.36
CA LEU B 179 -1.78 -16.38 22.34
C LEU B 179 -2.89 -15.33 22.24
N LEU B 180 -2.51 -14.07 22.07
CA LEU B 180 -3.50 -13.00 21.97
C LEU B 180 -4.37 -13.10 20.74
N ALA B 181 -3.78 -13.53 19.63
CA ALA B 181 -4.48 -13.64 18.36
C ALA B 181 -5.64 -14.61 18.49
N ARG B 182 -5.38 -15.71 19.20
CA ARG B 182 -6.37 -16.75 19.44
C ARG B 182 -7.47 -16.22 20.33
N GLN B 183 -7.08 -15.55 21.41
CA GLN B 183 -8.05 -14.90 22.29
C GLN B 183 -8.86 -13.85 21.55
N LEU B 184 -8.23 -13.17 20.61
CA LEU B 184 -8.89 -12.14 19.82
C LEU B 184 -9.79 -12.79 18.78
N LYS B 185 -9.64 -14.10 18.64
CA LYS B 185 -10.28 -14.87 17.57
C LYS B 185 -9.88 -14.30 16.19
N ASP B 186 -8.58 -14.08 15.98
CA ASP B 186 -8.09 -13.57 14.70
C ASP B 186 -7.23 -14.54 13.91
N ARG B 187 -7.88 -15.28 13.02
CA ARG B 187 -7.26 -16.35 12.25
C ARG B 187 -6.11 -15.83 11.40
N ALA B 188 -6.31 -14.65 10.84
CA ALA B 188 -5.30 -13.99 10.01
C ALA B 188 -4.02 -13.74 10.80
N VAL B 189 -4.09 -12.90 11.84
CA VAL B 189 -2.94 -12.61 12.67
C VAL B 189 -2.29 -13.87 13.24
N GLU B 190 -3.14 -14.78 13.69
CA GLU B 190 -2.71 -16.09 14.16
C GLU B 190 -1.69 -16.70 13.18
N ALA B 191 -2.01 -16.69 11.90
CA ALA B 191 -1.15 -17.31 10.90
C ALA B 191 0.15 -16.54 10.78
N GLN B 192 0.05 -15.23 10.92
CA GLN B 192 1.20 -14.34 10.84
C GLN B 192 2.19 -14.56 12.00
N SER B 193 1.68 -14.80 13.19
CA SER B 193 2.55 -15.08 14.32
C SER B 193 3.22 -16.43 14.15
N CYS B 194 2.51 -17.34 13.51
CA CYS B 194 3.05 -18.67 13.28
C CYS B 194 4.14 -18.52 12.26
N TYR B 195 3.83 -17.80 11.19
CA TYR B 195 4.83 -17.54 10.17
C TYR B 195 6.05 -16.87 10.80
N SER B 196 5.81 -15.86 11.63
CA SER B 196 6.88 -15.08 12.23
C SER B 196 7.71 -15.92 13.17
N LEU B 197 7.06 -16.86 13.83
CA LEU B 197 7.73 -17.73 14.76
C LEU B 197 8.55 -18.72 13.94
N GLY B 198 7.96 -19.16 12.83
CA GLY B 198 8.65 -19.97 11.85
C GLY B 198 10.00 -19.39 11.46
N ASN B 199 10.01 -18.14 10.98
CA ASN B 199 11.24 -17.46 10.62
C ASN B 199 12.20 -17.38 11.79
N THR B 200 11.66 -17.06 12.96
CA THR B 200 12.47 -16.94 14.17
C THR B 200 13.33 -18.18 14.41
N TYR B 201 12.66 -19.30 14.69
CA TYR B 201 13.32 -20.58 14.95
C TYR B 201 14.27 -21.02 13.85
N THR B 202 13.89 -20.79 12.61
CA THR B 202 14.78 -21.01 11.48
C THR B 202 16.13 -20.28 11.69
N LEU B 203 16.06 -19.11 12.31
CA LEU B 203 17.28 -18.34 12.55
C LEU B 203 18.07 -18.93 13.70
N LEU B 204 17.33 -19.46 14.68
CA LEU B 204 17.94 -20.19 15.79
C LEU B 204 18.45 -21.57 15.39
N GLN B 205 18.20 -21.93 14.14
CA GLN B 205 18.59 -23.23 13.60
C GLN B 205 17.88 -24.38 14.34
N ASP B 206 16.66 -24.11 14.81
CA ASP B 206 15.78 -25.16 15.30
C ASP B 206 14.71 -25.42 14.25
N TYR B 207 15.09 -26.11 13.17
CA TYR B 207 14.19 -26.32 12.04
C TYR B 207 13.01 -27.24 12.39
N GLU B 208 13.11 -27.92 13.53
CA GLU B 208 12.07 -28.86 13.94
C GLU B 208 10.85 -28.11 14.44
N LYS B 209 11.09 -27.02 15.16
CA LYS B 209 10.00 -26.21 15.68
C LYS B 209 9.54 -25.24 14.60
N ALA B 210 10.50 -24.85 13.75
CA ALA B 210 10.23 -23.96 12.64
C ALA B 210 9.13 -24.53 11.77
N ILE B 211 9.38 -25.73 11.26
CA ILE B 211 8.43 -26.50 10.48
C ILE B 211 7.06 -26.63 11.17
N ASP B 212 7.06 -26.95 12.47
CA ASP B 212 5.81 -27.02 13.24
C ASP B 212 4.95 -25.77 13.06
N TYR B 213 5.57 -24.61 13.28
CA TYR B 213 4.86 -23.32 13.19
C TYR B 213 4.40 -22.98 11.77
N HIS B 214 5.26 -23.22 10.79
CA HIS B 214 4.91 -22.89 9.42
C HIS B 214 3.79 -23.76 8.91
N LEU B 215 3.70 -24.98 9.45
CA LEU B 215 2.63 -25.88 9.06
C LEU B 215 1.33 -25.37 9.65
N LYS B 216 1.38 -24.89 10.89
CA LYS B 216 0.19 -24.33 11.52
C LYS B 216 -0.29 -23.17 10.66
N HIS B 217 0.66 -22.38 10.17
CA HIS B 217 0.37 -21.22 9.35
C HIS B 217 -0.14 -21.64 7.98
N LEU B 218 0.46 -22.66 7.40
CA LEU B 218 0.05 -23.10 6.08
C LEU B 218 -1.39 -23.55 6.08
N ALA B 219 -1.80 -24.17 7.19
CA ALA B 219 -3.18 -24.55 7.41
C ALA B 219 -4.13 -23.36 7.32
N ILE B 220 -3.89 -22.32 8.13
CA ILE B 220 -4.81 -21.18 8.18
C ILE B 220 -4.83 -20.50 6.83
N ALA B 221 -3.68 -20.55 6.15
CA ALA B 221 -3.55 -19.97 4.83
C ALA B 221 -4.53 -20.63 3.89
N GLN B 222 -4.41 -21.95 3.78
CA GLN B 222 -5.34 -22.74 3.00
C GLN B 222 -6.78 -22.50 3.46
N GLU B 223 -6.98 -22.62 4.77
CA GLU B 223 -8.29 -22.41 5.39
C GLU B 223 -8.90 -21.10 4.89
N LEU B 224 -8.17 -20.01 5.07
CA LEU B 224 -8.66 -18.70 4.64
C LEU B 224 -8.38 -18.45 3.14
N LYS B 225 -7.85 -19.46 2.47
CA LYS B 225 -7.61 -19.40 1.02
C LYS B 225 -6.73 -18.23 0.60
N ASP B 226 -5.68 -17.98 1.38
CA ASP B 226 -4.69 -16.96 1.05
C ASP B 226 -3.59 -17.56 0.17
N ARG B 227 -3.79 -17.49 -1.13
CA ARG B 227 -2.87 -18.11 -2.08
C ARG B 227 -1.44 -17.61 -1.91
N ILE B 228 -1.26 -16.30 -1.96
CA ILE B 228 0.06 -15.68 -1.84
C ILE B 228 0.78 -16.11 -0.56
N GLY B 229 0.04 -16.16 0.55
CA GLY B 229 0.55 -16.72 1.79
C GLY B 229 0.96 -18.19 1.68
N GLU B 230 0.25 -18.95 0.84
CA GLU B 230 0.57 -20.36 0.66
C GLU B 230 1.94 -20.53 -0.02
N GLY B 231 2.15 -19.85 -1.15
CA GLY B 231 3.46 -19.81 -1.79
C GLY B 231 4.61 -19.41 -0.87
N ARG B 232 4.30 -18.69 0.21
CA ARG B 232 5.32 -18.26 1.16
C ARG B 232 5.70 -19.42 2.08
N ALA B 233 4.68 -20.05 2.66
CA ALA B 233 4.89 -21.17 3.56
C ALA B 233 5.68 -22.25 2.84
N CYS B 234 5.22 -22.58 1.64
CA CYS B 234 5.84 -23.64 0.84
C CYS B 234 7.31 -23.41 0.63
N TRP B 235 7.70 -22.21 0.24
CA TRP B 235 9.12 -21.92 0.12
C TRP B 235 9.82 -22.15 1.46
N SER B 236 9.26 -21.58 2.53
CA SER B 236 9.87 -21.61 3.85
C SER B 236 10.13 -23.03 4.31
N LEU B 237 9.05 -23.83 4.34
CA LEU B 237 9.11 -25.25 4.63
C LEU B 237 10.15 -25.99 3.80
N GLY B 238 10.03 -25.92 2.48
CA GLY B 238 11.00 -26.53 1.59
C GLY B 238 12.40 -26.00 1.83
N ASN B 239 12.52 -24.83 2.44
CA ASN B 239 13.84 -24.35 2.77
C ASN B 239 14.36 -24.91 4.10
N ALA B 240 13.46 -25.00 5.09
CA ALA B 240 13.75 -25.62 6.38
C ALA B 240 14.20 -27.07 6.24
N TYR B 241 13.33 -27.88 5.61
CA TYR B 241 13.58 -29.30 5.38
C TYR B 241 14.92 -29.53 4.74
N THR B 242 15.20 -28.76 3.70
CA THR B 242 16.52 -28.73 3.08
C THR B 242 17.62 -28.70 4.15
N ALA B 243 17.46 -27.84 5.15
CA ALA B 243 18.46 -27.72 6.22
C ALA B 243 18.43 -28.90 7.17
N LEU B 244 17.44 -29.77 7.00
CA LEU B 244 17.35 -30.96 7.83
C LEU B 244 17.91 -32.18 7.11
N GLY B 245 17.97 -32.12 5.78
CA GLY B 245 18.40 -33.24 4.98
C GLY B 245 17.23 -34.04 4.42
N ASN B 246 16.02 -33.58 4.70
CA ASN B 246 14.86 -34.20 4.11
C ASN B 246 14.64 -33.69 2.70
N HIS B 247 15.47 -34.17 1.77
CA HIS B 247 15.29 -33.87 0.36
C HIS B 247 13.89 -34.23 -0.14
N ASP B 248 13.36 -35.35 0.37
CA ASP B 248 12.03 -35.82 -0.03
C ASP B 248 10.96 -34.75 0.20
N GLN B 249 10.92 -34.20 1.40
CA GLN B 249 9.90 -33.21 1.75
C GLN B 249 10.22 -31.83 1.17
N ALA B 250 11.52 -31.53 1.12
CA ALA B 250 12.00 -30.29 0.53
C ALA B 250 11.56 -30.23 -0.91
N MET B 251 11.90 -31.26 -1.68
CA MET B 251 11.53 -31.32 -3.09
C MET B 251 10.03 -31.11 -3.28
N HIS B 252 9.24 -31.65 -2.37
CA HIS B 252 7.80 -31.50 -2.44
C HIS B 252 7.43 -30.02 -2.43
N PHE B 253 7.72 -29.36 -1.33
CA PHE B 253 7.24 -28.00 -1.11
C PHE B 253 7.72 -27.00 -2.13
N ALA B 254 8.97 -27.16 -2.53
CA ALA B 254 9.56 -26.34 -3.58
C ALA B 254 8.67 -26.34 -4.82
N GLU B 255 8.09 -27.51 -5.14
CA GLU B 255 7.14 -27.64 -6.24
C GLU B 255 5.78 -26.98 -5.96
N LYS B 256 5.27 -27.12 -4.75
CA LYS B 256 4.04 -26.39 -4.42
C LYS B 256 4.28 -24.88 -4.58
N HIS B 257 5.36 -24.38 -3.97
CA HIS B 257 5.73 -22.98 -4.12
C HIS B 257 5.85 -22.58 -5.59
N LEU B 258 6.51 -23.42 -6.38
CA LEU B 258 6.78 -23.10 -7.76
C LEU B 258 5.49 -22.88 -8.54
N GLU B 259 4.45 -23.62 -8.19
CA GLU B 259 3.19 -23.56 -8.94
C GLU B 259 2.42 -22.27 -8.64
N ILE B 260 2.48 -21.86 -7.37
CA ILE B 260 1.80 -20.66 -6.95
C ILE B 260 2.59 -19.48 -7.51
N SER B 261 3.89 -19.50 -7.29
CA SER B 261 4.81 -18.51 -7.85
C SER B 261 4.46 -18.22 -9.29
N ARG B 262 4.45 -19.27 -10.12
CA ARG B 262 4.19 -19.15 -11.56
C ARG B 262 2.93 -18.33 -11.89
N GLU B 263 1.84 -18.58 -11.16
CA GLU B 263 0.55 -17.97 -11.46
C GLU B 263 0.38 -16.51 -10.96
N VAL B 264 1.04 -16.16 -9.88
CA VAL B 264 0.96 -14.80 -9.38
C VAL B 264 1.81 -13.81 -10.18
N GLY B 265 2.68 -14.32 -11.05
CA GLY B 265 3.44 -13.46 -11.94
C GLY B 265 2.60 -12.97 -13.11
N ASP B 266 1.70 -13.83 -13.59
CA ASP B 266 0.82 -13.51 -14.71
C ASP B 266 -0.32 -12.56 -14.29
N LEU B 267 -0.42 -12.33 -12.99
CA LEU B 267 -1.48 -11.51 -12.39
C LEU B 267 -1.28 -10.02 -12.65
N GLU B 268 -2.39 -9.29 -12.73
CA GLU B 268 -2.36 -7.85 -13.05
C GLU B 268 -3.06 -6.99 -12.00
N VAL B 269 -3.91 -7.60 -11.17
CA VAL B 269 -4.52 -6.89 -10.04
C VAL B 269 -4.64 -7.79 -8.80
N PRO B 274 -1.99 -3.38 0.82
CA PRO B 274 -0.79 -3.87 1.51
C PRO B 274 0.36 -4.11 0.53
N PRO B 275 1.27 -3.13 0.39
CA PRO B 275 2.21 -3.05 -0.74
C PRO B 275 3.46 -3.92 -0.60
N ASP B 276 3.35 -5.20 -0.92
CA ASP B 276 4.48 -6.14 -0.90
C ASP B 276 5.62 -5.71 -1.83
N GLU B 277 6.67 -5.13 -1.22
CA GLU B 277 7.82 -4.68 -1.97
C GLU B 277 9.08 -5.43 -1.55
N ASP B 278 8.93 -6.70 -1.21
CA ASP B 278 10.13 -7.45 -0.83
C ASP B 278 10.61 -8.41 -1.91
N PHE B 279 10.00 -8.35 -3.08
CA PHE B 279 10.49 -9.06 -4.26
C PHE B 279 10.83 -10.52 -3.97
N PHE B 280 9.93 -11.15 -3.23
CA PHE B 280 10.11 -12.49 -2.70
C PHE B 280 10.36 -13.52 -3.80
N ASP B 281 9.49 -13.52 -4.80
CA ASP B 281 9.55 -14.55 -5.83
C ASP B 281 10.71 -14.33 -6.82
N ILE B 282 11.56 -13.36 -6.52
CA ILE B 282 12.77 -13.15 -7.28
C ILE B 282 13.95 -13.48 -6.39
N LEU B 283 13.95 -12.93 -5.18
CA LEU B 283 15.11 -13.07 -4.30
C LEU B 283 15.37 -14.52 -3.97
N VAL B 284 14.27 -15.26 -3.91
CA VAL B 284 14.27 -16.61 -3.37
C VAL B 284 14.78 -17.59 -4.41
N LYS B 285 14.77 -17.14 -5.66
CA LYS B 285 15.26 -17.93 -6.79
C LYS B 285 16.49 -17.27 -7.44
N CYS B 286 17.50 -16.97 -6.63
CA CYS B 286 18.64 -16.21 -7.10
C CYS B 286 19.92 -16.98 -6.84
N GLN B 287 19.77 -18.31 -6.80
CA GLN B 287 20.88 -19.20 -6.45
C GLN B 287 21.44 -19.90 -7.69
N GLY B 288 22.70 -19.62 -7.97
CA GLY B 288 23.40 -20.22 -9.08
C GLY B 288 22.84 -19.69 -10.38
N SER B 289 22.79 -20.54 -11.39
CA SER B 289 22.26 -20.16 -12.69
C SER B 289 20.97 -20.92 -13.04
N ARG B 290 20.31 -21.45 -12.01
CA ARG B 290 18.98 -22.05 -12.19
C ARG B 290 17.91 -21.00 -11.86
N LEU B 291 17.76 -20.03 -12.77
CA LEU B 291 17.05 -18.79 -12.49
C LEU B 291 15.75 -18.64 -13.29
N ASP B 292 15.40 -19.69 -14.03
CA ASP B 292 14.26 -19.59 -14.95
C ASP B 292 12.93 -19.34 -14.26
N ASP B 293 12.89 -19.54 -12.95
CA ASP B 293 11.61 -19.49 -12.23
C ASP B 293 11.42 -18.25 -11.38
N GLN B 294 12.21 -17.22 -11.65
CA GLN B 294 12.02 -15.91 -11.03
C GLN B 294 10.68 -15.36 -11.48
N ARG B 295 9.92 -14.79 -10.54
CA ARG B 295 8.61 -14.23 -10.84
C ARG B 295 8.50 -12.93 -10.10
N CYS B 296 7.82 -11.98 -10.73
CA CYS B 296 7.54 -10.70 -10.10
C CYS B 296 6.29 -10.10 -10.72
N ALA B 297 5.38 -9.63 -9.89
CA ALA B 297 4.17 -8.98 -10.37
C ALA B 297 4.33 -7.46 -10.41
N PRO B 298 3.55 -6.81 -11.29
CA PRO B 298 3.43 -5.34 -11.29
C PRO B 298 2.94 -4.85 -9.95
N PRO B 299 3.19 -3.57 -9.64
CA PRO B 299 2.79 -2.97 -8.37
C PRO B 299 1.32 -3.14 -8.00
N SER B 300 0.43 -3.05 -8.98
CA SER B 300 -0.99 -3.24 -8.72
C SER B 300 -1.27 -4.60 -8.06
N ALA B 301 -0.72 -5.66 -8.65
CA ALA B 301 -0.93 -7.01 -8.18
C ALA B 301 0.06 -7.40 -7.09
N ALA B 302 0.95 -6.48 -6.74
CA ALA B 302 1.99 -6.76 -5.74
C ALA B 302 1.49 -6.48 -4.33
N THR B 303 0.50 -7.26 -3.89
CA THR B 303 -0.02 -7.15 -2.52
C THR B 303 0.28 -8.41 -1.73
N LYS B 304 0.42 -8.25 -0.42
CA LYS B 304 0.71 -9.37 0.44
C LYS B 304 -0.59 -9.89 1.03
N GLY B 305 -0.66 -11.20 1.24
CA GLY B 305 -1.83 -11.83 1.78
C GLY B 305 -2.06 -11.43 3.23
N PRO B 306 -3.21 -11.82 3.78
CA PRO B 306 -3.63 -11.46 5.14
C PRO B 306 -2.88 -12.26 6.18
N THR B 307 -2.24 -13.34 5.76
CA THR B 307 -1.50 -14.23 6.68
C THR B 307 0.02 -14.06 6.61
N VAL B 308 0.48 -13.28 5.65
CA VAL B 308 1.88 -12.89 5.60
C VAL B 308 2.13 -11.80 6.64
N PRO B 309 3.16 -11.97 7.48
CA PRO B 309 3.44 -10.98 8.53
C PRO B 309 3.93 -9.68 7.94
N ASP B 310 3.87 -8.61 8.72
CA ASP B 310 4.42 -7.31 8.32
C ASP B 310 5.84 -7.48 7.82
N GLU B 311 6.60 -8.26 8.57
CA GLU B 311 7.97 -8.55 8.22
C GLU B 311 8.17 -10.03 7.97
N ASP B 312 8.74 -10.33 6.81
CA ASP B 312 9.14 -11.68 6.47
C ASP B 312 10.64 -11.62 6.30
N PHE B 313 11.33 -12.44 7.09
CA PHE B 313 12.78 -12.38 7.21
C PHE B 313 13.47 -13.40 6.31
N PHE B 314 12.83 -13.75 5.20
CA PHE B 314 13.39 -14.70 4.26
C PHE B 314 14.81 -14.32 3.82
N SER B 315 15.04 -13.04 3.54
CA SER B 315 16.34 -12.57 3.06
C SER B 315 17.42 -12.67 4.11
N LEU B 316 17.06 -12.41 5.36
CA LEU B 316 18.01 -12.55 6.45
C LEU B 316 18.42 -14.01 6.52
N ILE B 317 17.40 -14.87 6.62
CA ILE B 317 17.59 -16.29 6.62
C ILE B 317 18.49 -16.70 5.44
N LEU B 318 18.14 -16.20 4.26
CA LEU B 318 18.90 -16.53 3.05
C LEU B 318 20.35 -16.12 3.20
N ARG B 319 20.56 -14.88 3.60
CA ARG B 319 21.89 -14.32 3.72
C ARG B 319 22.63 -14.95 4.88
N SER B 320 21.88 -15.37 5.90
CA SER B 320 22.46 -15.96 7.09
C SER B 320 23.01 -17.38 6.89
N GLN B 321 22.31 -18.19 6.10
CA GLN B 321 22.85 -19.50 5.78
C GLN B 321 23.86 -19.37 4.65
N ALA B 322 23.81 -18.24 3.94
CA ALA B 322 24.81 -17.94 2.94
C ALA B 322 26.15 -17.68 3.63
N LYS B 323 26.11 -16.97 4.74
CA LYS B 323 27.30 -16.73 5.53
C LYS B 323 27.91 -18.04 6.03
N ARG B 324 27.07 -18.93 6.54
CA ARG B 324 27.57 -20.17 7.12
C ARG B 324 28.12 -21.17 6.08
N MET B 325 27.53 -21.20 4.91
CA MET B 325 28.06 -22.02 3.82
C MET B 325 29.51 -21.66 3.54
N ASP B 326 29.81 -20.36 3.54
CA ASP B 326 31.15 -19.86 3.27
C ASP B 326 32.08 -20.08 4.46
N GLU B 327 31.48 -20.12 5.66
CA GLU B 327 32.25 -20.33 6.87
C GLU B 327 32.76 -21.76 6.98
N GLN B 328 31.96 -22.73 6.54
CA GLN B 328 32.37 -24.12 6.55
C GLN B 328 33.45 -24.41 5.51
N ARG B 329 33.43 -23.64 4.41
CA ARG B 329 34.31 -23.83 3.24
C ARG B 329 35.77 -24.25 3.52
N VAL B 330 36.31 -23.76 4.64
CA VAL B 330 37.55 -24.33 5.16
C VAL B 330 37.61 -24.22 6.69
#